data_7ABT
#
_entry.id   7ABT
#
_cell.length_a   83.319
_cell.length_b   83.319
_cell.length_c   52.455
_cell.angle_alpha   90.000
_cell.angle_beta   90.000
_cell.angle_gamma   120.000
#
_symmetry.space_group_name_H-M   'P 61'
#
loop_
_entity.id
_entity.type
_entity.pdbx_description
1 polymer 'Peptidyl-prolyl cis-trans isomerase A'
2 polymer PRO-ARG-PRO-ARG-PRO-ARG-PRO-ARG
3 water water
#
loop_
_entity_poly.entity_id
_entity_poly.type
_entity_poly.pdbx_seq_one_letter_code
_entity_poly.pdbx_strand_id
1 'polypeptide(L)'
;VNPTVFFDIAVDGEPLGRVSFELFADKVPKTAENFRALSTGEKGFGYKGSCFHRIIPGFMCQGGDFTRHNGTGGKSIYGE
KFEDENFILKHTGPGILSMANAGPNTNGSQFFICTAKTEWLDGKHVVFGKVKEGMNIVEAMERFGSRNGKTSKKITIADC
GQL
;
A
2 'polypeptide(L)' PRPRPRPR B
#
# COMPACT_ATOMS: atom_id res chain seq x y z
N VAL A 1 -14.81 2.00 15.86
CA VAL A 1 -13.50 1.31 16.02
C VAL A 1 -12.85 1.15 14.63
N ASN A 2 -11.67 1.68 14.47
CA ASN A 2 -10.92 1.58 13.19
C ASN A 2 -10.68 0.10 12.85
N PRO A 3 -10.92 -0.26 11.58
CA PRO A 3 -10.67 -1.62 11.16
C PRO A 3 -9.18 -1.93 11.06
N THR A 4 -8.89 -3.25 11.22
N THR A 4 -8.88 -3.23 11.18
CA THR A 4 -7.56 -3.87 11.07
CA THR A 4 -7.52 -3.74 10.96
C THR A 4 -7.58 -4.82 9.87
C THR A 4 -7.59 -4.80 9.87
N VAL A 5 -6.63 -4.72 8.97
CA VAL A 5 -6.47 -5.70 7.90
C VAL A 5 -5.09 -6.29 7.88
N PHE A 6 -4.96 -7.49 7.31
CA PHE A 6 -3.64 -8.12 7.25
C PHE A 6 -3.32 -8.50 5.83
N PHE A 7 -2.02 -8.55 5.56
CA PHE A 7 -1.47 -9.19 4.33
C PHE A 7 -0.43 -10.23 4.74
N ASP A 8 -0.53 -11.42 4.13
CA ASP A 8 0.50 -12.47 4.26
C ASP A 8 1.38 -12.33 3.02
N ILE A 9 2.65 -12.05 3.23
CA ILE A 9 3.64 -11.72 2.17
C ILE A 9 4.43 -12.98 1.88
N ALA A 10 4.70 -13.23 0.60
CA ALA A 10 5.57 -14.32 0.11
C ALA A 10 6.61 -13.73 -0.86
N VAL A 11 7.73 -14.44 -0.89
CA VAL A 11 8.89 -14.05 -1.72
C VAL A 11 9.19 -15.27 -2.59
N ASP A 12 9.02 -15.14 -3.92
CA ASP A 12 9.14 -16.27 -4.89
C ASP A 12 8.30 -17.41 -4.35
N GLY A 13 7.15 -17.14 -3.74
CA GLY A 13 6.20 -18.16 -3.24
C GLY A 13 6.51 -18.69 -1.83
N GLU A 14 7.64 -18.28 -1.22
N GLU A 14 7.70 -18.43 -1.26
CA GLU A 14 8.05 -18.70 0.14
CA GLU A 14 8.06 -18.88 0.12
C GLU A 14 7.39 -17.74 1.11
C GLU A 14 7.45 -17.86 1.08
N PRO A 15 6.65 -18.22 2.10
CA PRO A 15 6.05 -17.30 3.07
C PRO A 15 7.21 -16.50 3.73
N LEU A 16 6.98 -15.23 3.91
CA LEU A 16 7.89 -14.25 4.58
C LEU A 16 7.29 -13.87 5.94
N GLY A 17 6.06 -13.37 5.96
CA GLY A 17 5.40 -13.00 7.22
C GLY A 17 4.16 -12.17 6.98
N ARG A 18 3.56 -11.80 8.08
CA ARG A 18 2.27 -11.06 8.00
C ARG A 18 2.54 -9.60 8.38
N VAL A 19 1.82 -8.71 7.70
CA VAL A 19 1.83 -7.28 8.07
C VAL A 19 0.36 -6.95 8.36
N SER A 20 0.06 -6.35 9.50
N SER A 20 0.10 -6.22 9.46
CA SER A 20 -1.31 -5.83 9.71
CA SER A 20 -1.26 -5.79 9.83
C SER A 20 -1.29 -4.29 9.68
C SER A 20 -1.31 -4.28 9.89
N PHE A 21 -2.46 -3.73 9.47
CA PHE A 21 -2.63 -2.26 9.34
C PHE A 21 -3.85 -1.82 10.10
N GLU A 22 -3.70 -0.70 10.83
CA GLU A 22 -4.85 0.08 11.30
C GLU A 22 -5.27 1.04 10.16
N LEU A 23 -6.52 1.03 9.81
CA LEU A 23 -7.08 1.94 8.79
C LEU A 23 -7.89 3.07 9.43
N PHE A 24 -7.52 4.32 9.13
CA PHE A 24 -8.05 5.49 9.88
C PHE A 24 -9.41 5.88 9.33
N ALA A 25 -10.40 5.03 9.53
CA ALA A 25 -11.76 5.24 9.03
C ALA A 25 -12.37 6.46 9.73
N ASP A 26 -11.90 6.77 10.92
CA ASP A 26 -12.40 7.92 11.71
C ASP A 26 -12.05 9.24 10.96
N LYS A 27 -10.96 9.28 10.19
CA LYS A 27 -10.54 10.49 9.45
C LYS A 27 -10.74 10.40 7.95
N VAL A 28 -10.54 9.21 7.35
CA VAL A 28 -10.66 9.08 5.87
C VAL A 28 -11.51 7.88 5.64
N PRO A 29 -12.80 7.96 5.93
CA PRO A 29 -13.66 6.77 5.81
C PRO A 29 -13.78 6.19 4.39
N LYS A 30 -13.82 7.03 3.36
CA LYS A 30 -14.01 6.52 1.99
C LYS A 30 -12.74 5.78 1.55
N THR A 31 -11.59 6.35 1.85
CA THR A 31 -10.30 5.78 1.39
C THR A 31 -10.02 4.52 2.21
N ALA A 32 -10.22 4.58 3.53
CA ALA A 32 -10.05 3.38 4.38
C ALA A 32 -10.98 2.26 3.90
N GLU A 33 -12.20 2.59 3.54
CA GLU A 33 -13.13 1.54 3.11
C GLU A 33 -12.66 0.90 1.83
N ASN A 34 -12.15 1.64 0.87
CA ASN A 34 -11.68 1.05 -0.40
C ASN A 34 -10.59 0.02 -0.06
N PHE A 35 -9.62 0.42 0.74
CA PHE A 35 -8.49 -0.48 1.05
C PHE A 35 -9.02 -1.72 1.79
N ARG A 36 -9.88 -1.52 2.75
CA ARG A 36 -10.47 -2.59 3.57
C ARG A 36 -11.15 -3.57 2.61
N ALA A 37 -12.02 -3.11 1.73
CA ALA A 37 -12.83 -3.97 0.86
C ALA A 37 -11.90 -4.68 -0.13
N LEU A 38 -10.87 -3.99 -0.63
CA LEU A 38 -9.95 -4.66 -1.58
C LEU A 38 -9.16 -5.76 -0.86
N SER A 39 -8.88 -5.56 0.42
CA SER A 39 -8.18 -6.54 1.30
C SER A 39 -9.05 -7.78 1.56
N THR A 40 -10.35 -7.60 1.75
CA THR A 40 -11.29 -8.72 1.98
C THR A 40 -11.73 -9.33 0.67
N GLY A 41 -11.56 -8.67 -0.46
CA GLY A 41 -12.08 -9.16 -1.74
C GLY A 41 -13.61 -9.20 -1.81
N GLU A 42 -14.26 -8.38 -1.00
CA GLU A 42 -15.72 -8.52 -0.89
C GLU A 42 -16.44 -8.05 -2.13
N LYS A 43 -15.84 -7.24 -2.99
CA LYS A 43 -16.52 -6.82 -4.20
C LYS A 43 -16.24 -7.75 -5.35
N GLY A 44 -15.47 -8.79 -5.11
CA GLY A 44 -15.15 -9.77 -6.16
C GLY A 44 -13.81 -9.48 -6.85
N PHE A 45 -13.03 -8.59 -6.29
CA PHE A 45 -11.67 -8.32 -6.81
C PHE A 45 -10.93 -7.69 -5.66
N GLY A 46 -9.61 -7.59 -5.81
CA GLY A 46 -8.80 -6.95 -4.77
C GLY A 46 -7.38 -7.50 -4.73
N TYR A 47 -6.79 -7.39 -3.57
CA TYR A 47 -5.34 -7.55 -3.45
C TYR A 47 -4.85 -8.98 -3.43
N LYS A 48 -5.68 -9.98 -3.19
CA LYS A 48 -5.14 -11.32 -2.97
C LYS A 48 -4.48 -11.80 -4.27
N GLY A 49 -3.22 -12.20 -4.16
CA GLY A 49 -2.41 -12.68 -5.32
C GLY A 49 -1.67 -11.61 -6.07
N SER A 50 -1.81 -10.38 -5.65
CA SER A 50 -1.17 -9.21 -6.32
C SER A 50 0.27 -9.11 -5.79
N CYS A 51 1.07 -8.30 -6.46
N CYS A 51 1.05 -8.26 -6.47
CA CYS A 51 2.51 -8.22 -6.11
CA CYS A 51 2.49 -8.07 -6.13
C CYS A 51 2.90 -6.78 -5.70
C CYS A 51 2.79 -6.69 -5.53
N PHE A 52 3.97 -6.62 -4.91
CA PHE A 52 4.64 -5.33 -4.63
C PHE A 52 5.60 -5.12 -5.74
N HIS A 53 5.25 -4.28 -6.70
CA HIS A 53 6.01 -4.17 -7.97
C HIS A 53 7.13 -3.14 -7.86
N ARG A 54 7.13 -2.30 -6.84
CA ARG A 54 8.08 -1.19 -6.76
C ARG A 54 8.50 -1.05 -5.30
N ILE A 55 9.76 -1.39 -5.02
CA ILE A 55 10.28 -1.31 -3.66
C ILE A 55 11.56 -0.48 -3.66
N ILE A 56 11.58 0.67 -2.99
CA ILE A 56 12.78 1.53 -2.96
C ILE A 56 13.20 1.57 -1.51
N PRO A 57 14.34 0.91 -1.18
CA PRO A 57 14.75 0.81 0.19
C PRO A 57 15.00 2.22 0.72
N GLY A 58 14.69 2.45 1.99
CA GLY A 58 14.75 3.77 2.64
C GLY A 58 13.73 4.78 2.18
N PHE A 59 12.75 4.36 1.34
CA PHE A 59 11.66 5.25 0.92
C PHE A 59 10.33 4.56 1.22
N MET A 60 9.96 3.61 0.37
CA MET A 60 8.63 2.97 0.50
C MET A 60 8.58 1.68 -0.31
N CYS A 61 7.55 0.84 0.06
CA CYS A 61 7.19 -0.35 -0.68
C CYS A 61 5.80 -0.14 -1.30
N GLN A 62 5.63 -0.31 -2.59
CA GLN A 62 4.39 0.03 -3.33
C GLN A 62 3.79 -1.26 -3.91
N GLY A 63 2.49 -1.36 -3.76
CA GLY A 63 1.74 -2.42 -4.43
C GLY A 63 0.31 -2.01 -4.74
N GLY A 64 -0.56 -3.00 -4.90
CA GLY A 64 -1.99 -2.77 -5.14
C GLY A 64 -2.38 -2.70 -6.58
N ASP A 65 -1.42 -2.90 -7.52
CA ASP A 65 -1.75 -2.88 -8.92
C ASP A 65 -2.22 -4.28 -9.28
N PHE A 66 -3.43 -4.64 -8.92
CA PHE A 66 -3.90 -6.03 -9.11
C PHE A 66 -4.36 -6.23 -10.54
N THR A 67 -4.48 -5.22 -11.41
CA THR A 67 -4.90 -5.44 -12.77
C THR A 67 -3.72 -5.58 -13.74
N ARG A 68 -2.63 -4.80 -13.59
CA ARG A 68 -1.57 -4.80 -14.59
C ARG A 68 -0.20 -5.16 -13.96
N HIS A 69 -0.11 -5.21 -12.65
CA HIS A 69 1.01 -5.81 -11.91
C HIS A 69 2.29 -4.99 -12.12
N ASN A 70 2.16 -3.73 -12.54
CA ASN A 70 3.39 -2.95 -12.87
C ASN A 70 3.28 -1.45 -12.59
N GLY A 71 2.24 -0.99 -11.94
CA GLY A 71 2.15 0.43 -11.62
C GLY A 71 1.25 1.16 -12.58
N THR A 72 0.78 0.58 -13.66
CA THR A 72 -0.03 1.28 -14.68
C THR A 72 -1.51 0.97 -14.48
N GLY A 73 -1.89 0.06 -13.55
CA GLY A 73 -3.28 -0.33 -13.38
C GLY A 73 -3.86 -0.09 -12.02
N GLY A 74 -4.86 -0.93 -11.71
CA GLY A 74 -5.61 -0.91 -10.47
C GLY A 74 -6.95 -0.19 -10.64
N LYS A 75 -7.85 -0.40 -9.71
CA LYS A 75 -9.14 0.29 -9.69
C LYS A 75 -9.64 0.24 -8.26
N SER A 76 -10.49 1.20 -7.94
CA SER A 76 -11.15 1.29 -6.63
C SER A 76 -12.51 0.53 -6.65
N ILE A 77 -13.10 0.46 -5.49
CA ILE A 77 -14.44 -0.11 -5.31
C ILE A 77 -15.49 0.88 -5.81
N TYR A 78 -15.13 2.11 -6.11
CA TYR A 78 -16.06 3.17 -6.51
C TYR A 78 -16.08 3.40 -8.02
N GLY A 79 -15.23 2.74 -8.76
CA GLY A 79 -14.95 3.13 -10.16
C GLY A 79 -13.44 3.11 -10.39
N GLU A 80 -13.04 3.42 -11.61
CA GLU A 80 -11.62 3.34 -11.96
C GLU A 80 -10.86 4.27 -11.00
N LYS A 81 -11.37 5.50 -10.75
CA LYS A 81 -10.65 6.39 -9.85
C LYS A 81 -11.61 7.09 -8.92
N PHE A 82 -11.10 7.62 -7.81
CA PHE A 82 -11.89 8.48 -6.91
C PHE A 82 -11.01 9.61 -6.40
N GLU A 83 -11.73 10.60 -5.91
CA GLU A 83 -11.12 11.88 -5.48
C GLU A 83 -10.21 11.67 -4.27
N ASP A 84 -9.24 12.59 -4.16
CA ASP A 84 -8.51 12.74 -2.90
C ASP A 84 -9.49 13.13 -1.80
N GLU A 85 -9.71 12.28 -0.79
CA GLU A 85 -10.79 12.50 0.17
C GLU A 85 -10.43 13.67 1.05
N ASN A 86 -9.24 13.70 1.63
CA ASN A 86 -8.72 14.83 2.42
C ASN A 86 -7.25 14.56 2.67
N PHE A 87 -6.53 15.60 3.08
CA PHE A 87 -5.13 15.46 3.45
C PHE A 87 -4.96 15.74 4.93
N ILE A 88 -5.91 15.33 5.77
CA ILE A 88 -5.75 15.52 7.22
C ILE A 88 -4.44 14.92 7.68
N LEU A 89 -4.20 13.69 7.33
CA LEU A 89 -3.04 12.94 7.92
C LEU A 89 -1.77 13.17 7.06
N LYS A 90 -0.64 13.19 7.74
CA LYS A 90 0.64 13.55 7.11
C LYS A 90 1.55 12.35 7.12
N HIS A 91 2.58 12.45 6.29
CA HIS A 91 3.56 11.38 6.14
C HIS A 91 4.60 11.57 7.25
N THR A 92 4.37 11.04 8.44
CA THR A 92 5.14 11.38 9.66
C THR A 92 6.34 10.45 9.87
N GLY A 93 6.36 9.28 9.22
CA GLY A 93 7.45 8.33 9.52
C GLY A 93 7.17 6.97 8.98
N PRO A 94 8.05 6.02 9.30
CA PRO A 94 7.89 4.65 8.82
C PRO A 94 6.56 4.06 9.30
N GLY A 95 6.02 3.26 8.40
CA GLY A 95 4.77 2.52 8.69
C GLY A 95 3.53 3.19 8.14
N ILE A 96 3.63 4.46 7.76
CA ILE A 96 2.44 5.16 7.18
C ILE A 96 2.01 4.44 5.90
N LEU A 97 0.73 4.30 5.78
CA LEU A 97 0.07 3.70 4.61
C LEU A 97 -0.65 4.82 3.88
N SER A 98 -0.35 4.96 2.59
CA SER A 98 -0.78 6.11 1.80
C SER A 98 -1.12 5.72 0.38
N MET A 99 -1.97 6.46 -0.29
CA MET A 99 -2.39 6.15 -1.65
C MET A 99 -1.36 6.56 -2.68
N ALA A 100 -0.95 5.67 -3.53
CA ALA A 100 -0.24 6.10 -4.78
C ALA A 100 -1.25 6.67 -5.74
N ASN A 101 -0.83 7.52 -6.65
CA ASN A 101 -1.75 8.09 -7.64
C ASN A 101 -0.95 8.55 -8.82
N ALA A 102 -1.66 9.11 -9.81
CA ALA A 102 -1.08 9.70 -11.02
C ALA A 102 -1.55 11.16 -11.13
N GLY A 103 -1.58 11.83 -9.98
CA GLY A 103 -1.99 13.22 -9.93
C GLY A 103 -3.26 13.36 -9.10
N PRO A 104 -3.76 14.61 -9.01
CA PRO A 104 -4.94 14.82 -8.16
C PRO A 104 -6.16 14.00 -8.57
N ASN A 105 -6.87 13.45 -7.56
CA ASN A 105 -8.16 12.77 -7.78
C ASN A 105 -7.99 11.60 -8.74
N THR A 106 -6.96 10.81 -8.56
CA THR A 106 -6.71 9.61 -9.40
C THR A 106 -6.49 8.38 -8.53
N ASN A 107 -7.05 8.30 -7.35
CA ASN A 107 -6.85 7.15 -6.44
C ASN A 107 -7.56 5.95 -7.04
N GLY A 108 -6.89 4.80 -7.01
CA GLY A 108 -7.53 3.57 -7.51
C GLY A 108 -7.37 2.54 -6.42
N SER A 109 -6.35 1.69 -6.61
CA SER A 109 -6.03 0.62 -5.62
C SER A 109 -4.60 0.62 -5.19
N GLN A 110 -3.72 1.37 -5.85
CA GLN A 110 -2.28 1.33 -5.56
C GLN A 110 -2.02 2.08 -4.28
N PHE A 111 -1.09 1.57 -3.45
CA PHE A 111 -0.78 2.09 -2.12
C PHE A 111 0.69 1.94 -1.89
N PHE A 112 1.20 2.63 -0.88
CA PHE A 112 2.59 2.43 -0.45
C PHE A 112 2.66 2.47 1.07
N ILE A 113 3.67 1.75 1.54
CA ILE A 113 4.01 1.70 2.95
C ILE A 113 5.37 2.40 3.12
N CYS A 114 5.37 3.50 3.82
CA CYS A 114 6.62 4.27 4.01
C CYS A 114 7.57 3.50 4.88
N THR A 115 8.85 3.63 4.64
CA THR A 115 9.86 3.06 5.53
C THR A 115 10.77 4.20 5.97
N ALA A 116 10.28 5.42 5.84
CA ALA A 116 11.00 6.65 6.28
C ALA A 116 9.92 7.74 6.45
N LYS A 117 10.27 8.90 6.96
CA LYS A 117 9.40 10.10 6.94
C LYS A 117 9.49 10.62 5.50
N THR A 118 8.36 10.90 4.89
CA THR A 118 8.25 11.33 3.48
C THR A 118 7.35 12.56 3.46
N GLU A 119 7.76 13.62 4.15
CA GLU A 119 6.84 14.80 4.34
C GLU A 119 6.59 15.54 3.04
N TRP A 120 7.45 15.39 2.09
CA TRP A 120 7.28 16.07 0.78
C TRP A 120 6.05 15.54 0.07
N LEU A 121 5.50 14.44 0.53
CA LEU A 121 4.27 13.86 -0.08
C LEU A 121 3.03 14.38 0.58
N ASP A 122 3.17 15.21 1.62
CA ASP A 122 2.01 15.80 2.28
C ASP A 122 1.17 16.59 1.27
N GLY A 123 -0.12 16.40 1.28
CA GLY A 123 -1.02 17.13 0.38
C GLY A 123 -0.94 16.68 -1.07
N LYS A 124 -0.18 15.59 -1.34
N LYS A 124 -0.15 15.61 -1.36
CA LYS A 124 -0.15 15.04 -2.71
CA LYS A 124 -0.10 15.03 -2.72
C LYS A 124 -0.65 13.58 -2.70
C LYS A 124 -0.68 13.60 -2.69
N HIS A 125 -0.53 12.90 -1.59
CA HIS A 125 -0.95 11.52 -1.44
C HIS A 125 -1.79 11.49 -0.17
N VAL A 126 -2.88 10.76 -0.22
CA VAL A 126 -3.83 10.59 0.91
C VAL A 126 -3.31 9.51 1.87
N VAL A 127 -2.98 9.91 3.06
CA VAL A 127 -2.60 9.02 4.18
C VAL A 127 -3.86 8.45 4.78
N PHE A 128 -3.92 7.13 4.97
CA PHE A 128 -5.20 6.52 5.46
C PHE A 128 -4.98 5.40 6.47
N GLY A 129 -3.73 5.06 6.80
CA GLY A 129 -3.54 3.96 7.79
C GLY A 129 -2.13 3.91 8.23
N LYS A 130 -1.80 2.94 9.07
N LYS A 130 -1.79 2.89 9.01
CA LYS A 130 -0.41 2.69 9.45
CA LYS A 130 -0.43 2.73 9.58
C LYS A 130 -0.28 1.19 9.67
C LYS A 130 -0.22 1.26 9.96
N VAL A 131 0.96 0.76 9.61
CA VAL A 131 1.34 -0.60 10.08
C VAL A 131 1.14 -0.68 11.60
N LYS A 132 0.57 -1.78 12.05
N LYS A 132 0.42 -1.74 11.99
CA LYS A 132 0.35 -2.03 13.49
CA LYS A 132 0.05 -2.17 13.36
C LYS A 132 1.24 -3.23 13.89
C LYS A 132 1.05 -3.23 13.89
N GLU A 133 1.26 -4.32 13.13
CA GLU A 133 2.18 -5.40 13.45
C GLU A 133 2.96 -5.75 12.20
N GLY A 134 4.17 -6.28 12.35
CA GLY A 134 4.89 -6.76 11.15
C GLY A 134 5.67 -5.67 10.43
N MET A 135 5.96 -4.54 11.09
CA MET A 135 6.85 -3.55 10.40
C MET A 135 8.19 -4.23 10.05
N ASN A 136 8.57 -5.26 10.83
CA ASN A 136 9.83 -6.02 10.57
C ASN A 136 9.68 -6.71 9.21
N ILE A 137 8.48 -7.15 8.85
CA ILE A 137 8.24 -7.85 7.55
C ILE A 137 8.37 -6.79 6.44
N VAL A 138 7.87 -5.59 6.67
CA VAL A 138 8.07 -4.54 5.66
C VAL A 138 9.57 -4.19 5.47
N GLU A 139 10.27 -4.17 6.59
CA GLU A 139 11.73 -3.94 6.58
C GLU A 139 12.40 -5.07 5.80
N ALA A 140 11.96 -6.32 5.99
CA ALA A 140 12.55 -7.44 5.23
C ALA A 140 12.29 -7.34 3.73
N MET A 141 11.15 -6.81 3.34
CA MET A 141 10.80 -6.66 1.93
C MET A 141 11.82 -5.76 1.24
N GLU A 142 12.36 -4.77 1.94
CA GLU A 142 13.39 -3.85 1.33
C GLU A 142 14.62 -4.62 0.89
N ARG A 143 14.88 -5.79 1.42
N ARG A 143 14.87 -5.81 1.40
CA ARG A 143 16.01 -6.64 0.96
CA ARG A 143 16.00 -6.63 0.92
C ARG A 143 15.85 -6.96 -0.54
C ARG A 143 15.87 -6.87 -0.58
N PHE A 144 14.65 -6.84 -1.11
CA PHE A 144 14.39 -7.24 -2.52
C PHE A 144 14.12 -6.05 -3.43
N GLY A 145 14.35 -4.81 -2.96
CA GLY A 145 14.16 -3.63 -3.78
C GLY A 145 15.48 -3.09 -4.30
N SER A 146 15.43 -1.94 -4.89
CA SER A 146 16.53 -1.25 -5.60
C SER A 146 16.25 0.27 -5.70
N ARG A 147 17.28 1.02 -6.11
CA ARG A 147 17.15 2.50 -6.14
C ARG A 147 15.98 2.81 -7.05
N ASN A 148 15.88 2.15 -8.19
CA ASN A 148 14.84 2.51 -9.18
C ASN A 148 13.53 1.75 -8.90
N GLY A 149 13.48 0.90 -7.84
CA GLY A 149 12.25 0.22 -7.45
C GLY A 149 12.11 -1.15 -8.04
N LYS A 150 12.82 -1.55 -9.06
CA LYS A 150 12.69 -2.93 -9.58
C LYS A 150 13.03 -3.94 -8.48
N THR A 151 12.20 -4.97 -8.32
CA THR A 151 12.41 -6.02 -7.29
C THR A 151 13.30 -7.14 -7.83
N SER A 152 14.09 -7.73 -6.93
CA SER A 152 15.04 -8.80 -7.34
C SER A 152 14.41 -10.19 -7.16
N LYS A 153 13.27 -10.29 -6.49
CA LYS A 153 12.47 -11.49 -6.34
C LYS A 153 11.02 -11.03 -6.38
N LYS A 154 10.13 -11.96 -6.63
CA LYS A 154 8.70 -11.67 -6.78
C LYS A 154 8.05 -11.62 -5.40
N ILE A 155 7.54 -10.45 -5.04
CA ILE A 155 6.98 -10.17 -3.71
C ILE A 155 5.45 -10.14 -3.89
N THR A 156 4.74 -11.08 -3.25
CA THR A 156 3.29 -11.21 -3.47
C THR A 156 2.54 -11.16 -2.14
N ILE A 157 1.28 -10.73 -2.28
CA ILE A 157 0.28 -10.84 -1.19
C ILE A 157 -0.39 -12.23 -1.36
N ALA A 158 0.08 -13.20 -0.63
CA ALA A 158 -0.44 -14.56 -0.80
C ALA A 158 -1.86 -14.69 -0.24
N ASP A 159 -2.15 -13.92 0.81
CA ASP A 159 -3.48 -13.92 1.45
C ASP A 159 -3.68 -12.54 2.07
N CYS A 160 -4.92 -12.15 2.26
CA CYS A 160 -5.24 -10.88 2.93
C CYS A 160 -6.68 -10.91 3.39
N GLY A 161 -7.01 -10.04 4.32
CA GLY A 161 -8.36 -10.00 4.85
C GLY A 161 -8.45 -9.12 6.07
N GLN A 162 -9.57 -9.20 6.74
CA GLN A 162 -9.86 -8.36 7.92
C GLN A 162 -9.67 -9.16 9.19
N LEU A 163 -9.08 -8.56 10.23
CA LEU A 163 -8.92 -9.24 11.55
C LEU A 163 -10.14 -8.93 12.45
N PRO B 1 8.50 7.52 -17.86
CA PRO B 1 7.86 6.87 -16.65
C PRO B 1 8.49 7.30 -15.34
N ARG B 2 7.68 7.96 -14.53
CA ARG B 2 8.09 8.51 -13.22
C ARG B 2 6.95 8.27 -12.26
N PRO B 3 6.86 7.02 -11.81
CA PRO B 3 5.74 6.62 -10.98
C PRO B 3 5.77 7.39 -9.66
N ARG B 4 4.56 7.72 -9.20
CA ARG B 4 4.38 8.40 -7.91
C ARG B 4 4.07 7.32 -6.89
N PRO B 5 4.49 7.47 -5.61
CA PRO B 5 5.16 8.68 -5.13
C PRO B 5 6.62 8.83 -5.58
N ARG B 6 7.04 10.05 -5.71
CA ARG B 6 8.41 10.36 -6.16
C ARG B 6 9.29 10.40 -4.93
N PRO B 7 10.55 9.93 -5.02
CA PRO B 7 11.51 10.11 -3.93
C PRO B 7 12.11 11.52 -3.85
N ARG B 8 12.80 11.72 -2.73
CA ARG B 8 13.65 12.92 -2.50
C ARG B 8 14.95 12.46 -1.92
#